data_2YO0
#
_entry.id   2YO0
#
_cell.length_a   54.000
_cell.length_b   54.000
_cell.length_c   306.980
_cell.angle_alpha   90.00
_cell.angle_beta   90.00
_cell.angle_gamma   120.00
#
_symmetry.space_group_name_H-M   'P 63'
#
loop_
_entity.id
_entity.type
_entity.pdbx_description
1 polymer 'GENERAL CONTROL PROTEIN GCN4, PUTATIVE INNER MEMBRANE PROTEIN'
2 non-polymer 'CHLORIDE ION'
3 water water
#
_entity_poly.entity_id   1
_entity_poly.type   'polypeptide(L)'
_entity_poly.pdbx_seq_one_letter_code
;MKQIEDKIEEILSKIYHIENEIARIKKLIQNAIGAVTTTPTKYYHANSTEEDSLAVGTDSLAMGAKTIVNADAGIGIGLN
TLVMADAINGIAIGSNARANHANSIAMGNGSQTTRGAQTDYTAYNMDTPQNSVGEFSVGSEDGQRQITNVAAGSADTDAV
NVGQLKVTDAQVSRNTQSITNLNTQVSNLDTRVTNIENGIGDIVTTGSTKYFKTNTDGADANAQGADSVAIGSGSIAAAE
NSVALGTNSVADEANTVSVGSSTQQRRITNVAAGVNNTDAVNVAQMKQIEDKIEEILSKIYHIENEIARIKKLIKLHHHH
HH
;
_entity_poly.pdbx_strand_id   A
#
loop_
_chem_comp.id
_chem_comp.type
_chem_comp.name
_chem_comp.formula
CL non-polymer 'CHLORIDE ION' 'Cl -1'
#
# COMPACT_ATOMS: atom_id res chain seq x y z
N LYS A 42 44.71 46.51 -45.34
CA LYS A 42 44.39 45.11 -44.94
C LYS A 42 44.07 45.09 -43.46
N TYR A 43 43.13 44.22 -43.10
CA TYR A 43 42.83 43.89 -41.71
C TYR A 43 42.55 42.39 -41.64
N TYR A 44 43.34 41.64 -42.42
CA TYR A 44 43.20 40.18 -42.57
C TYR A 44 44.58 39.55 -42.70
N HIS A 45 45.27 39.31 -41.58
CA HIS A 45 46.65 38.77 -41.62
C HIS A 45 46.74 37.30 -41.19
N ALA A 46 47.64 36.57 -41.83
CA ALA A 46 47.77 35.15 -41.64
C ALA A 46 49.23 34.74 -41.79
N ASN A 47 49.93 34.68 -40.65
CA ASN A 47 51.35 34.33 -40.58
C ASN A 47 51.63 32.85 -40.88
N SER A 48 51.80 32.53 -42.17
CA SER A 48 52.10 31.16 -42.63
C SER A 48 52.91 31.11 -43.91
N THR A 49 53.38 29.92 -44.26
CA THR A 49 54.15 29.69 -45.49
C THR A 49 53.74 28.45 -46.30
N GLU A 50 52.93 27.57 -45.71
CA GLU A 50 52.62 26.26 -46.29
C GLU A 50 51.58 26.35 -47.44
N GLU A 51 51.09 25.20 -47.91
CA GLU A 51 50.17 25.19 -49.04
C GLU A 51 48.97 26.12 -48.81
N ASP A 52 48.56 26.78 -49.88
CA ASP A 52 47.64 27.92 -49.84
C ASP A 52 46.20 27.44 -49.63
N SER A 53 45.34 28.35 -49.16
CA SER A 53 43.92 28.00 -48.97
C SER A 53 43.29 27.75 -50.33
N LEU A 54 42.47 26.69 -50.43
CA LEU A 54 41.72 26.42 -51.67
C LEU A 54 40.24 26.59 -51.46
N ALA A 55 39.69 27.66 -52.01
CA ALA A 55 38.26 27.88 -52.04
C ALA A 55 37.71 27.36 -53.37
N VAL A 56 37.42 26.05 -53.44
CA VAL A 56 37.16 25.39 -54.73
C VAL A 56 35.72 25.44 -55.15
N GLY A 57 34.84 24.97 -54.28
CA GLY A 57 33.41 24.95 -54.56
C GLY A 57 32.91 26.34 -54.89
N THR A 58 31.85 26.40 -55.69
CA THR A 58 31.23 27.68 -56.04
C THR A 58 30.99 28.48 -54.77
N ASP A 59 31.22 29.79 -54.85
CA ASP A 59 30.94 30.70 -53.73
C ASP A 59 31.41 30.12 -52.41
N SER A 60 32.64 29.63 -52.38
CA SER A 60 33.20 29.08 -51.16
C SER A 60 33.69 30.22 -50.26
N LEU A 61 34.45 29.85 -49.23
CA LEU A 61 35.29 30.77 -48.47
C LEU A 61 36.37 29.97 -47.73
N ALA A 62 37.63 30.23 -48.05
CA ALA A 62 38.74 29.40 -47.58
C ALA A 62 39.81 30.26 -46.94
N MET A 63 40.09 30.07 -45.65
CA MET A 63 41.07 30.91 -44.93
C MET A 63 42.10 30.05 -44.18
N GLY A 64 43.37 30.43 -44.22
CA GLY A 64 44.44 29.70 -43.52
C GLY A 64 45.11 28.59 -44.32
N ALA A 65 46.27 28.14 -43.88
CA ALA A 65 47.09 27.19 -44.64
C ALA A 65 46.48 25.78 -44.78
N LYS A 66 46.60 25.22 -45.97
CA LYS A 66 46.14 23.86 -46.28
C LYS A 66 44.62 23.70 -46.25
N THR A 67 43.88 24.81 -46.21
CA THR A 67 42.43 24.73 -46.01
C THR A 67 41.70 24.57 -47.33
N ILE A 68 41.32 23.33 -47.60
CA ILE A 68 40.57 22.95 -48.79
C ILE A 68 39.10 23.12 -48.45
N VAL A 69 38.35 23.76 -49.34
CA VAL A 69 36.90 23.91 -49.18
C VAL A 69 36.20 23.60 -50.50
N ASN A 70 35.29 22.63 -50.46
CA ASN A 70 34.75 22.01 -51.67
C ASN A 70 33.23 22.17 -51.80
N ALA A 71 32.50 21.83 -50.74
CA ALA A 71 31.07 22.05 -50.70
C ALA A 71 30.74 23.44 -51.18
N ASP A 72 29.70 23.56 -52.00
CA ASP A 72 29.31 24.86 -52.49
C ASP A 72 28.81 25.74 -51.33
N ALA A 73 29.18 27.02 -51.38
CA ALA A 73 28.88 27.98 -50.31
C ALA A 73 29.49 27.55 -48.97
N GLY A 74 30.50 26.69 -49.02
CA GLY A 74 31.16 26.25 -47.80
C GLY A 74 32.03 27.37 -47.27
N ILE A 75 32.41 27.26 -46.00
CA ILE A 75 33.33 28.20 -45.35
C ILE A 75 34.33 27.44 -44.50
N GLY A 76 35.62 27.60 -44.76
CA GLY A 76 36.64 27.01 -43.91
C GLY A 76 37.63 28.03 -43.38
N ILE A 77 37.75 28.14 -42.07
CA ILE A 77 38.67 29.11 -41.44
C ILE A 77 39.59 28.45 -40.45
N GLY A 78 40.88 28.72 -40.56
CA GLY A 78 41.84 28.12 -39.62
C GLY A 78 42.93 27.33 -40.31
N LEU A 79 43.69 26.57 -39.54
CA LEU A 79 44.77 25.74 -40.08
C LEU A 79 44.26 24.37 -40.45
N ASN A 80 44.62 23.93 -41.65
CA ASN A 80 44.25 22.60 -42.16
C ASN A 80 42.79 22.22 -42.00
N THR A 81 41.87 23.12 -42.35
CA THR A 81 40.45 22.73 -42.28
C THR A 81 39.95 22.21 -43.62
N LEU A 82 38.89 21.44 -43.55
CA LEU A 82 38.32 20.81 -44.72
C LEU A 82 36.84 20.91 -44.57
N VAL A 83 36.19 21.47 -45.59
CA VAL A 83 34.75 21.28 -45.79
C VAL A 83 34.54 20.36 -47.01
N MET A 84 34.24 19.10 -46.76
CA MET A 84 34.13 18.09 -47.80
C MET A 84 33.05 18.29 -48.87
N ALA A 85 33.20 17.48 -49.93
CA ALA A 85 32.29 17.32 -51.10
C ALA A 85 30.87 17.88 -51.01
N ASP A 86 29.94 17.04 -50.51
CA ASP A 86 28.52 17.41 -50.40
C ASP A 86 28.16 17.94 -49.01
N ALA A 87 29.08 18.67 -48.38
CA ALA A 87 28.77 19.34 -47.12
C ALA A 87 28.26 20.76 -47.41
N ILE A 88 27.25 20.84 -48.29
CA ILE A 88 26.57 22.10 -48.63
C ILE A 88 26.50 23.07 -47.45
N ASN A 89 26.86 24.33 -47.68
CA ASN A 89 26.80 25.36 -46.64
C ASN A 89 27.54 25.00 -45.35
N GLY A 90 28.53 24.12 -45.41
CA GLY A 90 29.18 23.58 -44.20
C GLY A 90 30.37 24.42 -43.72
N ILE A 91 30.54 24.51 -42.41
CA ILE A 91 31.49 25.44 -41.81
C ILE A 91 32.48 24.65 -40.95
N ALA A 92 33.77 24.94 -41.10
CA ALA A 92 34.80 24.32 -40.27
C ALA A 92 35.74 25.40 -39.80
N ILE A 93 35.68 25.70 -38.52
CA ILE A 93 36.39 26.84 -37.98
C ILE A 93 37.38 26.41 -36.89
N GLY A 94 38.67 26.46 -37.18
CA GLY A 94 39.70 26.01 -36.24
C GLY A 94 40.52 24.79 -36.69
N SER A 95 41.61 24.54 -35.98
CA SER A 95 42.64 23.59 -36.44
C SER A 95 42.08 22.22 -36.81
N ASN A 96 42.34 21.78 -38.04
CA ASN A 96 42.00 20.41 -38.48
C ASN A 96 40.52 20.07 -38.41
N ALA A 97 39.68 21.09 -38.53
CA ALA A 97 38.24 20.93 -38.33
C ALA A 97 37.61 20.40 -39.61
N ARG A 98 36.82 19.34 -39.51
CA ARG A 98 36.22 18.68 -40.66
C ARG A 98 34.72 18.91 -40.72
N ALA A 99 34.28 19.78 -41.61
CA ALA A 99 32.87 19.91 -41.93
C ALA A 99 32.50 18.77 -42.87
N ASN A 100 31.92 17.71 -42.31
CA ASN A 100 31.60 16.52 -43.12
C ASN A 100 30.19 16.57 -43.72
N HIS A 101 29.23 17.10 -42.97
CA HIS A 101 27.81 16.95 -43.30
C HIS A 101 27.24 18.20 -43.97
N ALA A 102 26.01 18.11 -44.47
CA ALA A 102 25.38 19.28 -45.15
C ALA A 102 24.64 20.16 -44.13
N ASN A 103 24.69 21.47 -44.36
CA ASN A 103 24.07 22.47 -43.48
C ASN A 103 24.51 22.46 -42.01
N SER A 104 25.53 21.67 -41.68
CA SER A 104 25.91 21.46 -40.27
C SER A 104 27.17 22.25 -40.01
N ILE A 105 27.72 22.19 -38.80
CA ILE A 105 28.93 23.00 -38.42
C ILE A 105 30.00 22.27 -37.62
N ALA A 106 31.27 22.51 -37.93
CA ALA A 106 32.32 21.96 -37.06
C ALA A 106 33.14 23.04 -36.36
N MET A 107 32.94 23.22 -35.05
CA MET A 107 33.61 24.33 -34.31
C MET A 107 34.76 23.85 -33.43
N GLY A 108 35.93 24.46 -33.61
CA GLY A 108 37.07 24.20 -32.69
C GLY A 108 38.03 23.09 -33.11
N ASN A 109 39.27 23.18 -32.60
CA ASN A 109 40.39 22.40 -33.10
C ASN A 109 40.09 20.92 -33.23
N GLY A 110 39.91 20.47 -34.46
CA GLY A 110 39.76 19.03 -34.73
C GLY A 110 38.40 18.48 -34.37
N SER A 111 37.38 19.34 -34.44
CA SER A 111 36.00 18.90 -34.34
C SER A 111 35.58 18.40 -35.69
N GLN A 112 34.69 17.40 -35.71
CA GLN A 112 34.06 16.90 -36.94
C GLN A 112 32.56 17.13 -36.85
N THR A 113 31.82 17.12 -37.96
CA THR A 113 30.37 16.93 -37.87
C THR A 113 30.13 15.44 -37.93
N THR A 114 29.28 14.94 -37.04
CA THR A 114 29.11 13.52 -36.86
C THR A 114 27.68 13.05 -37.04
N ARG A 115 26.82 13.93 -37.57
CA ARG A 115 25.41 13.54 -37.76
C ARG A 115 24.71 14.15 -38.95
N GLY A 116 24.84 15.47 -39.11
CA GLY A 116 24.16 16.20 -40.18
C GLY A 116 22.69 16.38 -39.86
N ALA A 117 21.99 17.08 -40.75
CA ALA A 117 20.53 17.19 -40.64
C ALA A 117 19.90 15.81 -40.55
N GLN A 118 18.90 15.65 -39.66
CA GLN A 118 18.15 14.42 -39.47
C GLN A 118 16.65 14.60 -39.79
N THR A 119 15.96 13.50 -40.06
CA THR A 119 14.55 13.53 -40.41
C THR A 119 13.76 12.55 -39.55
N ASP A 120 12.64 13.00 -39.01
CA ASP A 120 11.81 12.12 -38.20
C ASP A 120 12.70 11.22 -37.32
N TYR A 121 13.54 11.84 -36.48
CA TYR A 121 14.48 11.11 -35.61
C TYR A 121 13.91 10.97 -34.20
N THR A 122 14.43 9.98 -33.44
CA THR A 122 13.95 9.73 -32.06
C THR A 122 14.77 10.54 -31.06
N ALA A 123 14.26 11.71 -30.68
CA ALA A 123 14.88 12.58 -29.69
C ALA A 123 14.58 12.05 -28.32
N TYR A 124 15.55 12.19 -27.40
CA TYR A 124 15.38 11.69 -26.03
C TYR A 124 14.24 12.42 -25.33
N ASN A 125 13.28 11.64 -24.84
CA ASN A 125 12.20 12.13 -23.97
C ASN A 125 11.03 12.68 -24.78
N MET A 126 11.28 12.97 -26.05
CA MET A 126 10.24 13.49 -26.94
C MET A 126 9.37 12.37 -27.49
N ASP A 127 8.06 12.63 -27.48
CA ASP A 127 7.03 11.64 -27.78
C ASP A 127 6.65 11.53 -29.26
N THR A 128 7.27 12.31 -30.16
CA THR A 128 6.87 12.37 -31.57
C THR A 128 8.06 12.67 -32.48
N PRO A 129 8.17 12.01 -33.66
CA PRO A 129 9.39 12.14 -34.46
C PRO A 129 9.88 13.59 -34.54
N GLN A 130 11.19 13.77 -34.61
CA GLN A 130 11.74 15.12 -34.59
C GLN A 130 12.41 15.42 -35.90
N ASN A 131 12.77 16.69 -36.08
CA ASN A 131 13.42 17.10 -37.31
C ASN A 131 14.53 18.10 -36.99
N SER A 132 15.52 18.13 -37.87
CA SER A 132 16.71 18.89 -37.68
C SER A 132 17.14 19.31 -39.07
N VAL A 133 17.59 20.55 -39.18
CA VAL A 133 17.94 21.14 -40.46
C VAL A 133 19.46 21.16 -40.64
N GLY A 134 20.15 20.58 -39.66
CA GLY A 134 21.61 20.66 -39.55
C GLY A 134 22.05 20.27 -38.15
N GLU A 135 23.36 20.38 -37.89
CA GLU A 135 23.99 20.04 -36.60
C GLU A 135 25.03 21.11 -36.27
N PHE A 136 25.20 21.44 -34.99
CA PHE A 136 26.29 22.35 -34.57
C PHE A 136 27.23 21.63 -33.64
N SER A 137 28.40 21.24 -34.13
CA SER A 137 29.29 20.35 -33.41
C SER A 137 30.37 21.15 -32.74
N VAL A 138 30.54 20.94 -31.45
CA VAL A 138 31.67 21.53 -30.72
C VAL A 138 32.71 20.45 -30.36
N GLY A 139 32.81 19.42 -31.20
CA GLY A 139 33.68 18.29 -30.87
C GLY A 139 33.74 17.18 -31.89
N SER A 140 33.98 15.97 -31.42
CA SER A 140 34.15 14.82 -32.32
C SER A 140 34.00 13.52 -31.54
N GLU A 141 34.30 12.41 -32.21
CA GLU A 141 34.23 11.08 -31.60
C GLU A 141 35.17 10.92 -30.38
N ASP A 142 36.36 11.49 -30.47
CA ASP A 142 37.38 11.30 -29.45
C ASP A 142 37.70 12.59 -28.70
N GLY A 143 36.68 13.41 -28.48
CA GLY A 143 36.86 14.66 -27.77
C GLY A 143 35.69 15.60 -27.88
N GLN A 144 34.98 15.78 -26.76
CA GLN A 144 33.89 16.74 -26.61
C GLN A 144 34.34 17.95 -25.78
N ARG A 145 33.55 19.02 -25.82
CA ARG A 145 33.81 20.24 -25.06
C ARG A 145 32.61 20.62 -24.21
N GLN A 146 32.85 21.42 -23.18
CA GLN A 146 31.78 22.00 -22.40
C GLN A 146 31.28 23.26 -23.10
N ILE A 147 30.01 23.56 -22.93
CA ILE A 147 29.49 24.84 -23.38
C ILE A 147 29.27 25.66 -22.14
N THR A 148 29.91 26.82 -22.06
CA THR A 148 29.94 27.62 -20.82
C THR A 148 29.30 28.98 -20.95
N ASN A 149 28.79 29.46 -19.82
CA ASN A 149 28.25 30.80 -19.70
C ASN A 149 26.98 30.95 -20.50
N VAL A 150 26.03 30.12 -20.09
CA VAL A 150 24.71 30.10 -20.66
C VAL A 150 23.72 30.65 -19.64
N ALA A 151 22.90 31.60 -20.10
CA ALA A 151 21.69 32.00 -19.37
C ALA A 151 20.71 30.86 -19.53
N ALA A 152 19.87 30.69 -18.52
CA ALA A 152 18.81 29.70 -18.51
C ALA A 152 17.98 29.73 -19.81
N GLY A 153 16.94 28.92 -19.86
CA GLY A 153 16.20 28.73 -21.08
C GLY A 153 14.74 29.08 -20.89
N SER A 154 14.14 29.63 -21.93
CA SER A 154 12.73 30.00 -21.92
C SER A 154 11.91 29.15 -22.91
N ALA A 155 12.12 29.38 -24.19
CA ALA A 155 11.42 28.60 -25.21
C ALA A 155 11.77 27.11 -25.10
N ASP A 156 10.95 26.25 -25.69
CA ASP A 156 11.18 24.81 -25.63
C ASP A 156 12.40 24.39 -26.46
N THR A 157 12.83 25.27 -27.35
CA THR A 157 13.96 25.01 -28.24
C THR A 157 15.15 25.88 -27.88
N ASP A 158 15.23 26.29 -26.61
CA ASP A 158 16.43 26.93 -26.07
C ASP A 158 17.17 25.88 -25.26
N ALA A 159 18.48 26.10 -25.11
CA ALA A 159 19.34 25.17 -24.38
C ALA A 159 19.07 25.30 -22.88
N VAL A 160 19.18 24.16 -22.20
CA VAL A 160 19.05 24.06 -20.76
C VAL A 160 20.44 24.08 -20.13
N ASN A 161 20.54 24.54 -18.88
CA ASN A 161 21.82 24.62 -18.17
C ASN A 161 21.75 23.96 -16.81
N VAL A 162 22.91 23.65 -16.23
CA VAL A 162 23.00 22.82 -15.01
C VAL A 162 22.18 23.36 -13.87
N GLY A 163 22.16 24.69 -13.77
CA GLY A 163 21.31 25.35 -12.78
C GLY A 163 19.84 25.04 -12.93
N GLN A 164 19.37 24.95 -14.18
CA GLN A 164 17.97 24.66 -14.43
C GLN A 164 17.62 23.24 -14.12
N LEU A 165 18.59 22.34 -14.30
CA LEU A 165 18.44 20.92 -13.99
C LEU A 165 18.46 20.70 -12.51
N LYS A 166 19.31 21.44 -11.80
CA LYS A 166 19.40 21.33 -10.33
C LYS A 166 18.08 21.59 -9.63
N VAL A 167 17.25 22.48 -10.17
CA VAL A 167 15.86 22.63 -9.68
C VAL A 167 15.04 21.31 -9.75
N THR A 168 15.10 20.58 -10.86
CA THR A 168 14.40 19.29 -10.94
C THR A 168 14.97 18.34 -9.89
N ASP A 169 16.28 18.13 -9.92
CA ASP A 169 16.91 17.17 -8.98
C ASP A 169 16.58 17.49 -7.53
N ALA A 170 16.60 18.78 -7.17
CA ALA A 170 16.24 19.20 -5.83
C ALA A 170 14.82 18.74 -5.49
N GLN A 171 13.93 18.72 -6.47
CA GLN A 171 12.59 18.15 -6.28
C GLN A 171 12.72 16.65 -6.22
N VAL A 172 13.09 15.99 -7.31
CA VAL A 172 13.18 14.52 -7.30
C VAL A 172 13.66 14.03 -5.93
N SER A 173 14.77 14.57 -5.44
CA SER A 173 15.32 14.14 -4.15
C SER A 173 14.41 14.36 -2.91
N ARG A 174 13.35 15.16 -3.07
CA ARG A 174 12.30 15.28 -2.04
C ARG A 174 11.26 14.20 -2.22
N ASN A 175 10.90 13.93 -3.47
CA ASN A 175 9.99 12.83 -3.78
C ASN A 175 10.64 11.54 -3.34
N THR A 176 11.94 11.43 -3.62
CA THR A 176 12.77 10.32 -3.18
C THR A 176 12.65 10.08 -1.68
N GLN A 177 13.06 11.08 -0.90
CA GLN A 177 13.15 10.93 0.55
C GLN A 177 11.77 10.70 1.16
N SER A 178 10.74 11.29 0.55
CA SER A 178 9.36 11.05 0.96
C SER A 178 8.98 9.60 0.73
N ILE A 179 9.31 9.06 -0.45
CA ILE A 179 9.01 7.65 -0.75
C ILE A 179 9.60 6.71 0.31
N THR A 180 10.83 6.96 0.75
CA THR A 180 11.39 6.19 1.88
C THR A 180 10.56 6.41 3.16
N ASN A 181 10.30 7.67 3.49
CA ASN A 181 9.50 7.99 4.69
C ASN A 181 8.11 7.36 4.62
N LEU A 182 7.57 7.22 3.41
CA LEU A 182 6.31 6.49 3.20
C LEU A 182 6.50 4.97 3.35
N ASN A 183 7.59 4.42 2.79
CA ASN A 183 7.85 2.96 2.86
C ASN A 183 7.80 2.41 4.29
N THR A 184 8.45 3.09 5.23
CA THR A 184 8.48 2.64 6.62
C THR A 184 7.07 2.72 7.22
N GLN A 185 6.44 3.88 7.07
CA GLN A 185 5.05 4.07 7.51
C GLN A 185 4.17 2.96 6.96
N VAL A 186 4.29 2.71 5.66
CA VAL A 186 3.56 1.62 5.01
C VAL A 186 3.88 0.26 5.64
N SER A 187 5.16 0.02 5.94
CA SER A 187 5.58 -1.28 6.50
C SER A 187 5.12 -1.46 7.94
N ASN A 188 5.30 -0.43 8.77
CA ASN A 188 4.91 -0.50 10.17
C ASN A 188 3.40 -0.70 10.37
N LEU A 189 2.60 -0.25 9.41
CA LEU A 189 1.16 -0.47 9.45
C LEU A 189 0.76 -1.86 8.94
N ASP A 190 1.69 -2.55 8.28
CA ASP A 190 1.52 -3.96 7.95
C ASP A 190 1.78 -4.81 9.20
N THR A 191 2.78 -4.44 9.99
CA THR A 191 3.08 -5.14 11.24
C THR A 191 2.11 -4.73 12.37
N ARG A 192 1.41 -3.61 12.19
CA ARG A 192 0.42 -3.16 13.18
C ARG A 192 -0.96 -3.81 12.95
N VAL A 193 -1.40 -3.83 11.69
CA VAL A 193 -2.68 -4.45 11.34
C VAL A 193 -2.67 -5.96 11.56
N THR A 194 -1.61 -6.63 11.12
CA THR A 194 -1.52 -8.09 11.26
C THR A 194 -1.26 -8.53 12.71
N ASN A 195 -1.13 -7.57 13.63
CA ASN A 195 -1.27 -7.85 15.05
C ASN A 195 -2.74 -7.90 15.43
N ILE A 196 -3.55 -6.98 14.87
CA ILE A 196 -4.99 -6.96 15.11
C ILE A 196 -5.67 -8.25 14.65
N GLU A 197 -5.37 -8.68 13.43
CA GLU A 197 -5.94 -9.91 12.87
C GLU A 197 -5.38 -11.19 13.50
N ASN A 198 -4.30 -11.07 14.27
CA ASN A 198 -3.75 -12.17 15.06
C ASN A 198 -4.16 -12.06 16.54
N GLY A 199 -4.16 -10.84 17.07
CA GLY A 199 -4.66 -10.57 18.42
C GLY A 199 -6.16 -10.80 18.55
N ILE A 200 -6.91 -10.40 17.54
CA ILE A 200 -8.34 -10.68 17.45
C ILE A 200 -8.51 -11.95 16.58
N GLY A 201 -9.21 -11.88 15.44
CA GLY A 201 -9.30 -13.00 14.52
C GLY A 201 -10.40 -13.99 14.84
N ASP A 202 -10.26 -14.68 15.97
CA ASP A 202 -11.25 -15.67 16.41
C ASP A 202 -12.58 -15.02 16.80
N ILE A 203 -12.50 -13.83 17.38
CA ILE A 203 -13.69 -13.07 17.80
C ILE A 203 -14.68 -12.83 16.65
N VAL A 204 -14.17 -12.79 15.41
CA VAL A 204 -15.03 -12.79 14.22
C VAL A 204 -15.67 -14.16 14.00
N THR A 205 -14.84 -15.20 14.06
CA THR A 205 -15.23 -16.57 13.69
C THR A 205 -16.21 -17.21 14.69
N THR A 206 -15.71 -17.57 15.87
CA THR A 206 -16.52 -18.23 16.88
C THR A 206 -17.47 -17.26 17.61
N GLY A 207 -17.17 -15.97 17.55
CA GLY A 207 -17.96 -14.95 18.23
C GLY A 207 -17.74 -15.02 19.74
N SER A 208 -16.46 -15.09 20.13
CA SER A 208 -16.09 -15.46 21.49
C SER A 208 -14.71 -14.92 21.88
N THR A 209 -14.24 -15.30 23.07
CA THR A 209 -12.85 -15.08 23.48
C THR A 209 -12.30 -16.39 24.05
N LYS A 210 -11.06 -16.36 24.55
CA LYS A 210 -10.40 -17.56 25.10
C LYS A 210 -11.05 -18.10 26.39
N TYR A 211 -11.85 -17.26 27.05
CA TYR A 211 -12.57 -17.64 28.26
C TYR A 211 -14.10 -17.54 28.09
N PHE A 212 -14.57 -17.47 26.85
CA PHE A 212 -16.00 -17.25 26.54
C PHE A 212 -16.45 -18.01 25.28
N LYS A 213 -16.06 -19.28 25.15
CA LYS A 213 -16.27 -20.09 23.92
C LYS A 213 -17.73 -20.35 23.51
N THR A 214 -17.88 -21.02 22.36
CA THR A 214 -19.18 -21.49 21.85
C THR A 214 -18.97 -22.37 20.61
N ASN A 215 -20.01 -23.10 20.21
CA ASN A 215 -19.97 -23.95 19.02
C ASN A 215 -21.34 -24.01 18.34
N THR A 216 -21.67 -22.99 17.57
CA THR A 216 -23.02 -22.87 16.99
C THR A 216 -23.03 -22.27 15.57
N ASP A 217 -23.95 -22.80 14.75
CA ASP A 217 -24.18 -22.34 13.38
C ASP A 217 -25.46 -21.52 13.23
N GLY A 218 -26.35 -21.59 14.23
CA GLY A 218 -27.70 -21.04 14.13
C GLY A 218 -27.83 -19.53 14.19
N ALA A 219 -29.07 -19.05 14.28
CA ALA A 219 -29.39 -17.62 14.18
C ALA A 219 -28.80 -16.79 15.33
N ASP A 220 -28.90 -15.47 15.19
CA ASP A 220 -28.24 -14.52 16.09
C ASP A 220 -29.02 -14.28 17.38
N ALA A 221 -28.30 -14.01 18.46
CA ALA A 221 -28.90 -13.77 19.79
C ALA A 221 -29.52 -12.38 19.90
N ASN A 222 -30.34 -12.19 20.94
CA ASN A 222 -31.12 -10.95 21.11
C ASN A 222 -31.34 -10.58 22.57
N ALA A 223 -31.21 -9.30 22.86
CA ALA A 223 -31.57 -8.73 24.15
C ALA A 223 -32.71 -7.73 23.96
N GLN A 224 -33.91 -8.26 23.72
CA GLN A 224 -35.10 -7.46 23.41
C GLN A 224 -35.39 -6.42 24.50
N GLY A 225 -35.73 -6.89 25.70
CA GLY A 225 -36.10 -6.02 26.81
C GLY A 225 -34.91 -5.27 27.37
N ALA A 226 -35.22 -4.17 28.08
CA ALA A 226 -34.19 -3.31 28.66
C ALA A 226 -33.34 -4.03 29.72
N ASP A 227 -32.10 -3.58 29.88
CA ASP A 227 -31.18 -4.07 30.93
C ASP A 227 -30.74 -5.54 30.80
N SER A 228 -31.13 -6.20 29.70
CA SER A 228 -31.05 -7.65 29.61
C SER A 228 -29.71 -8.18 29.10
N VAL A 229 -29.53 -9.49 29.22
CA VAL A 229 -28.39 -10.22 28.65
C VAL A 229 -28.95 -11.47 27.96
N ALA A 230 -28.19 -12.06 27.03
CA ALA A 230 -28.59 -13.30 26.37
C ALA A 230 -27.37 -14.09 25.91
N ILE A 231 -27.53 -15.40 25.73
CA ILE A 231 -26.42 -16.26 25.32
C ILE A 231 -26.89 -17.42 24.44
N GLY A 232 -26.26 -17.59 23.28
CA GLY A 232 -26.45 -18.77 22.43
C GLY A 232 -27.30 -18.56 21.19
N SER A 233 -27.49 -19.63 20.43
CA SER A 233 -28.25 -19.59 19.17
C SER A 233 -29.71 -19.19 19.42
N GLY A 234 -30.16 -18.13 18.74
CA GLY A 234 -31.53 -17.63 18.87
C GLY A 234 -31.99 -17.47 20.31
N SER A 235 -31.14 -16.87 21.14
CA SER A 235 -31.43 -16.69 22.55
C SER A 235 -32.29 -15.45 22.75
N ILE A 236 -33.60 -15.68 22.85
CA ILE A 236 -34.58 -14.60 22.94
C ILE A 236 -34.82 -14.19 24.40
N ALA A 237 -34.08 -13.19 24.88
CA ALA A 237 -34.44 -12.50 26.11
C ALA A 237 -35.69 -11.68 25.82
N ALA A 238 -36.46 -11.35 26.86
CA ALA A 238 -37.73 -10.62 26.67
C ALA A 238 -38.02 -9.59 27.77
N ALA A 239 -38.05 -10.06 29.01
CA ALA A 239 -38.40 -9.22 30.15
C ALA A 239 -37.23 -8.37 30.64
N GLU A 240 -37.46 -7.56 31.67
CA GLU A 240 -36.50 -6.55 32.11
C GLU A 240 -35.48 -7.18 33.07
N ASN A 241 -34.20 -6.83 32.88
CA ASN A 241 -33.12 -7.26 33.78
C ASN A 241 -32.81 -8.77 33.69
N SER A 242 -33.36 -9.45 32.69
CA SER A 242 -33.34 -10.92 32.62
C SER A 242 -32.06 -11.48 31.97
N VAL A 243 -32.00 -12.81 31.86
CA VAL A 243 -30.89 -13.52 31.23
C VAL A 243 -31.40 -14.82 30.59
N ALA A 244 -31.18 -14.98 29.28
CA ALA A 244 -31.66 -16.17 28.55
C ALA A 244 -30.51 -17.13 28.26
N LEU A 245 -29.91 -17.67 29.32
CA LEU A 245 -28.66 -18.43 29.22
C LEU A 245 -28.81 -19.78 28.51
N GLY A 246 -28.39 -19.83 27.24
CA GLY A 246 -28.34 -21.07 26.47
C GLY A 246 -28.96 -21.01 25.09
N THR A 247 -28.55 -21.95 24.22
CA THR A 247 -29.07 -22.05 22.86
C THR A 247 -30.60 -22.20 22.86
N ASN A 248 -31.28 -21.17 22.35
CA ASN A 248 -32.75 -21.11 22.29
C ASN A 248 -33.38 -21.14 23.70
N SER A 249 -33.11 -20.10 24.48
CA SER A 249 -33.65 -19.96 25.83
C SER A 249 -34.47 -18.67 25.94
N VAL A 250 -35.59 -18.74 26.66
CA VAL A 250 -36.56 -17.62 26.73
C VAL A 250 -36.86 -17.18 28.16
N ALA A 251 -36.28 -16.05 28.57
CA ALA A 251 -36.53 -15.45 29.88
C ALA A 251 -37.54 -14.31 29.72
N ASP A 252 -38.82 -14.65 29.80
CA ASP A 252 -39.91 -13.73 29.43
C ASP A 252 -40.65 -13.08 30.62
N GLU A 253 -40.02 -13.08 31.79
CA GLU A 253 -40.61 -12.52 33.01
C GLU A 253 -39.60 -11.64 33.76
N ALA A 254 -40.09 -10.59 34.41
CA ALA A 254 -39.25 -9.56 35.03
C ALA A 254 -38.19 -10.13 35.99
N ASN A 255 -36.96 -9.67 35.83
CA ASN A 255 -35.83 -10.00 36.73
C ASN A 255 -35.41 -11.47 36.78
N THR A 256 -35.99 -12.31 35.92
CA THR A 256 -35.76 -13.76 35.98
C THR A 256 -34.45 -14.14 35.30
N VAL A 257 -34.11 -15.43 35.31
CA VAL A 257 -32.87 -15.93 34.71
C VAL A 257 -33.11 -17.30 34.07
N SER A 258 -33.73 -17.30 32.89
CA SER A 258 -34.11 -18.55 32.21
C SER A 258 -32.92 -19.40 31.79
N VAL A 259 -33.14 -20.70 31.69
CA VAL A 259 -32.15 -21.65 31.12
C VAL A 259 -32.80 -22.54 30.06
N GLY A 260 -33.88 -22.05 29.46
CA GLY A 260 -34.63 -22.80 28.45
C GLY A 260 -35.95 -22.15 28.10
N SER A 261 -36.80 -22.91 27.41
CA SER A 261 -38.13 -22.45 26.99
C SER A 261 -39.19 -23.37 27.59
N SER A 262 -40.43 -23.25 27.14
CA SER A 262 -41.54 -24.05 27.68
C SER A 262 -41.40 -25.55 27.43
N THR A 263 -40.94 -25.93 26.23
CA THR A 263 -40.74 -27.34 25.87
C THR A 263 -39.36 -27.85 26.27
N GLN A 264 -38.31 -27.18 25.80
CA GLN A 264 -36.94 -27.54 26.16
C GLN A 264 -36.49 -26.80 27.42
N GLN A 265 -36.09 -27.57 28.44
CA GLN A 265 -35.73 -27.04 29.76
C GLN A 265 -34.46 -27.73 30.28
N ARG A 266 -33.65 -26.98 31.02
CA ARG A 266 -32.30 -27.42 31.40
C ARG A 266 -32.11 -27.68 32.89
N ARG A 267 -31.47 -28.81 33.22
CA ARG A 267 -31.01 -29.12 34.58
C ARG A 267 -29.86 -28.20 35.00
N ILE A 268 -29.45 -28.31 36.26
CA ILE A 268 -28.34 -27.51 36.79
C ILE A 268 -27.37 -28.39 37.61
N THR A 269 -26.35 -28.94 36.96
CA THR A 269 -25.43 -29.89 37.60
C THR A 269 -24.42 -29.25 38.56
N ASN A 270 -23.83 -30.09 39.42
CA ASN A 270 -22.74 -29.71 40.33
C ASN A 270 -23.01 -28.47 41.21
N VAL A 271 -24.17 -28.47 41.86
CA VAL A 271 -24.61 -27.34 42.70
C VAL A 271 -24.42 -27.64 44.19
N ALA A 272 -24.12 -26.60 44.96
CA ALA A 272 -23.89 -26.69 46.39
C ALA A 272 -25.19 -26.52 47.17
N ALA A 273 -25.22 -27.07 48.38
CA ALA A 273 -26.42 -27.03 49.22
C ALA A 273 -26.59 -25.65 49.83
N GLY A 274 -27.70 -24.99 49.50
CA GLY A 274 -27.97 -23.63 49.98
C GLY A 274 -27.79 -23.47 51.47
N VAL A 275 -27.18 -22.35 51.87
CA VAL A 275 -26.92 -22.03 53.27
C VAL A 275 -27.81 -20.87 53.70
N ASN A 276 -27.64 -19.72 53.06
CA ASN A 276 -28.47 -18.53 53.35
C ASN A 276 -29.91 -18.76 52.89
N ASN A 277 -30.82 -17.91 53.37
CA ASN A 277 -32.24 -17.99 52.99
C ASN A 277 -32.44 -17.81 51.48
N THR A 278 -31.49 -17.17 50.82
CA THR A 278 -31.57 -16.84 49.39
C THR A 278 -30.85 -17.85 48.49
N ASP A 279 -30.33 -18.92 49.05
CA ASP A 279 -29.48 -19.84 48.29
C ASP A 279 -30.27 -21.00 47.72
N ALA A 280 -29.84 -21.48 46.55
CA ALA A 280 -30.55 -22.55 45.84
C ALA A 280 -30.34 -23.88 46.55
N VAL A 281 -31.37 -24.73 46.46
CA VAL A 281 -31.39 -26.01 47.16
C VAL A 281 -31.25 -27.17 46.16
N ASN A 282 -30.51 -28.20 46.56
CA ASN A 282 -30.25 -29.37 45.71
C ASN A 282 -30.99 -30.61 46.20
N VAL A 283 -30.77 -31.75 45.53
CA VAL A 283 -31.42 -33.02 45.88
C VAL A 283 -30.95 -33.59 47.24
N ALA A 284 -29.66 -33.46 47.54
CA ALA A 284 -29.09 -33.95 48.80
C ALA A 284 -29.87 -33.44 50.02
N GLN A 285 -30.33 -32.20 49.93
CA GLN A 285 -31.20 -31.62 50.96
C GLN A 285 -32.66 -32.04 50.78
N MET A 286 -33.09 -32.26 49.53
CA MET A 286 -34.45 -32.75 49.25
C MET A 286 -34.63 -34.17 49.77
N LYS A 287 -33.80 -35.10 49.30
CA LYS A 287 -33.86 -36.51 49.71
C LYS A 287 -33.95 -36.66 51.23
N GLN A 288 -33.09 -35.93 51.94
CA GLN A 288 -33.13 -35.82 53.40
C GLN A 288 -34.53 -35.49 53.94
N ILE A 289 -35.24 -34.59 53.27
CA ILE A 289 -36.63 -34.32 53.61
C ILE A 289 -37.48 -35.52 53.20
N GLU A 290 -37.36 -35.94 51.94
CA GLU A 290 -38.09 -37.11 51.41
C GLU A 290 -38.05 -38.31 52.37
N ASP A 291 -36.87 -38.59 52.91
CA ASP A 291 -36.70 -39.69 53.87
C ASP A 291 -37.28 -39.34 55.23
N LYS A 292 -37.24 -38.06 55.60
CA LYS A 292 -37.87 -37.60 56.84
C LYS A 292 -39.40 -37.82 56.81
N ILE A 293 -40.04 -37.50 55.69
CA ILE A 293 -41.43 -37.92 55.43
C ILE A 293 -41.63 -39.42 55.63
N GLU A 294 -40.66 -40.24 55.23
CA GLU A 294 -40.79 -41.69 55.27
C GLU A 294 -40.94 -42.19 56.69
N GLU A 295 -40.05 -41.73 57.58
CA GLU A 295 -40.19 -42.02 59.01
C GLU A 295 -41.62 -41.67 59.44
N ILE A 296 -42.02 -40.43 59.14
CA ILE A 296 -43.33 -39.91 59.55
C ILE A 296 -44.47 -40.84 59.15
N LEU A 297 -44.45 -41.30 57.91
CA LEU A 297 -45.46 -42.23 57.44
C LEU A 297 -45.44 -43.56 58.18
N SER A 298 -44.26 -44.07 58.49
CA SER A 298 -44.14 -45.42 59.10
C SER A 298 -44.47 -45.40 60.56
N LYS A 299 -44.02 -44.37 61.28
CA LYS A 299 -44.46 -44.13 62.66
C LYS A 299 -45.98 -44.06 62.70
N ILE A 300 -46.55 -43.27 61.79
CA ILE A 300 -48.01 -43.18 61.62
C ILE A 300 -48.68 -44.50 61.20
N TYR A 301 -48.03 -45.30 60.35
CA TYR A 301 -48.59 -46.61 59.99
C TYR A 301 -48.90 -47.42 61.25
N HIS A 302 -47.96 -47.46 62.18
CA HIS A 302 -48.08 -48.31 63.36
C HIS A 302 -48.99 -47.69 64.41
N ILE A 303 -49.08 -46.36 64.41
CA ILE A 303 -50.03 -45.64 65.27
C ILE A 303 -51.46 -46.04 64.95
N GLU A 304 -51.78 -46.14 63.66
CA GLU A 304 -53.13 -46.51 63.23
C GLU A 304 -53.45 -47.97 63.51
N ASN A 305 -52.45 -48.84 63.41
CA ASN A 305 -52.62 -50.25 63.83
C ASN A 305 -52.61 -50.39 65.36
N GLU A 306 -52.02 -49.40 66.03
CA GLU A 306 -52.14 -49.25 67.47
C GLU A 306 -53.61 -49.02 67.81
N ILE A 307 -54.16 -47.96 67.22
CA ILE A 307 -55.50 -47.47 67.53
C ILE A 307 -56.62 -48.44 67.15
N ALA A 308 -56.42 -49.21 66.08
CA ALA A 308 -57.37 -50.25 65.71
C ALA A 308 -57.45 -51.30 66.81
N ARG A 309 -56.29 -51.69 67.34
CA ARG A 309 -56.23 -52.72 68.39
C ARG A 309 -56.87 -52.25 69.68
N ILE A 310 -56.57 -51.03 70.10
CA ILE A 310 -57.23 -50.48 71.27
C ILE A 310 -58.69 -50.65 71.02
N LYS A 311 -59.17 -50.07 69.92
CA LYS A 311 -60.59 -50.05 69.61
C LYS A 311 -61.18 -51.44 69.53
N LYS A 312 -60.40 -52.37 68.99
CA LYS A 312 -60.79 -53.78 69.00
C LYS A 312 -60.96 -54.23 70.45
N LEU A 313 -59.99 -53.93 71.31
CA LEU A 313 -60.06 -54.41 72.70
C LEU A 313 -61.24 -53.82 73.48
N ILE A 314 -61.53 -52.54 73.28
CA ILE A 314 -62.62 -51.89 74.04
C ILE A 314 -63.98 -52.53 73.77
N LYS A 315 -64.22 -52.96 72.53
CA LYS A 315 -65.39 -53.81 72.22
C LYS A 315 -65.24 -55.17 72.87
N LEU A 316 -64.01 -55.71 72.87
CA LEU A 316 -63.74 -57.05 73.38
C LEU A 316 -63.79 -57.09 74.92
N HIS A 317 -62.68 -56.75 75.59
CA HIS A 317 -62.57 -56.85 77.07
C HIS A 317 -63.43 -55.73 77.64
CL CL B . 10.05 12.01 -8.72
#